data_7PW3
#
_entry.id   7PW3
#
_cell.length_a   45.320
_cell.length_b   68.630
_cell.length_c   159.570
_cell.angle_alpha   90.000
_cell.angle_beta   90.000
_cell.angle_gamma   90.000
#
_symmetry.space_group_name_H-M   'P 21 21 21'
#
loop_
_entity.id
_entity.type
_entity.pdbx_description
1 polymer 'Protein mono-ADP-ribosyltransferase PARP15'
2 non-polymer 4-(cyclohexylmethoxy)benzamide
3 non-polymer 'DIMETHYL SULFOXIDE'
4 water water
#
_entity_poly.entity_id   1
_entity_poly.type   'polypeptide(L)'
_entity_poly.pdbx_seq_one_letter_code
;MHHHHHHSSGVDLGTENLYFQSMNLPEHWTDMNHQLFCMVQLEPGQSEYNTIKDKFTRTCSSYAIEKIERIQNAFLWQSY
QVKKRQMDIKNDHKNNERLLFHGTDADSVPYVNQHGFNRSCAGKNAVSYGKGTYFAVDASYSAKDTYSKPDSNGRKHMYV
VRVLTGVFTKGRAGLVTPPPKNPHNPTDLFDSVTNNTRSPKLFVVFFDNQAYPEYLITFTA
;
_entity_poly.pdbx_strand_id   A,B
#
# COMPACT_ATOMS: atom_id res chain seq x y z
N ASN A 24 -3.20 -7.88 -18.43
CA ASN A 24 -2.55 -9.15 -18.92
C ASN A 24 -2.77 -10.25 -17.87
N LEU A 25 -3.98 -10.79 -17.81
CA LEU A 25 -4.37 -11.84 -16.83
C LEU A 25 -3.70 -13.16 -17.23
N PRO A 26 -3.25 -13.95 -16.23
CA PRO A 26 -2.53 -15.20 -16.48
C PRO A 26 -3.31 -16.22 -17.33
N GLU A 27 -2.59 -16.94 -18.21
CA GLU A 27 -3.16 -17.95 -19.16
C GLU A 27 -4.06 -18.94 -18.39
N HIS A 28 -3.63 -19.40 -17.22
CA HIS A 28 -4.25 -20.52 -16.47
C HIS A 28 -5.50 -20.06 -15.72
N TRP A 29 -5.76 -18.75 -15.61
CA TRP A 29 -7.06 -18.26 -15.08
C TRP A 29 -8.17 -18.72 -16.04
N THR A 30 -9.37 -18.84 -15.51
CA THR A 30 -10.56 -19.19 -16.30
C THR A 30 -11.37 -17.91 -16.53
N ASP A 31 -12.17 -17.91 -17.59
CA ASP A 31 -12.95 -16.74 -18.05
C ASP A 31 -13.85 -16.24 -16.93
N MET A 32 -14.00 -14.93 -16.80
CA MET A 32 -14.76 -14.30 -15.70
C MET A 32 -15.95 -13.50 -16.23
N ASN A 33 -16.32 -13.68 -17.50
CA ASN A 33 -17.53 -13.07 -18.09
C ASN A 33 -17.46 -11.54 -17.86
N HIS A 34 -16.30 -10.95 -18.11
CA HIS A 34 -16.04 -9.49 -18.09
C HIS A 34 -16.07 -8.94 -16.66
N GLN A 35 -15.93 -9.80 -15.66
CA GLN A 35 -15.82 -9.36 -14.24
C GLN A 35 -14.36 -9.40 -13.81
N LEU A 36 -14.07 -8.78 -12.67
CA LEU A 36 -12.68 -8.49 -12.23
C LEU A 36 -12.29 -9.31 -11.01
N PHE A 37 -13.22 -10.03 -10.39
CA PHE A 37 -12.97 -10.84 -9.19
C PHE A 37 -13.79 -12.14 -9.24
N CYS A 38 -13.11 -13.28 -9.05
CA CYS A 38 -13.75 -14.61 -8.96
C CYS A 38 -12.86 -15.51 -8.11
N MET A 39 -13.47 -16.28 -7.22
CA MET A 39 -12.85 -17.42 -6.50
C MET A 39 -13.24 -18.70 -7.26
N VAL A 40 -12.25 -19.42 -7.79
CA VAL A 40 -12.49 -20.57 -8.70
C VAL A 40 -12.06 -21.85 -7.96
N GLN A 41 -13.02 -22.70 -7.63
CA GLN A 41 -12.71 -23.98 -6.97
C GLN A 41 -11.98 -24.86 -7.98
N LEU A 42 -10.79 -25.34 -7.63
CA LEU A 42 -9.96 -26.25 -8.46
C LEU A 42 -10.54 -27.67 -8.48
N GLU A 43 -10.40 -28.29 -9.64
CA GLU A 43 -10.72 -29.72 -9.92
C GLU A 43 -9.62 -30.60 -9.32
N PRO A 44 -9.93 -31.46 -8.32
CA PRO A 44 -8.96 -32.42 -7.82
C PRO A 44 -8.45 -33.38 -8.90
N GLY A 45 -7.15 -33.68 -8.88
CA GLY A 45 -6.50 -34.65 -9.78
C GLY A 45 -5.96 -33.98 -11.03
N GLN A 46 -6.26 -32.70 -11.26
CA GLN A 46 -5.69 -31.94 -12.38
C GLN A 46 -4.40 -31.28 -11.91
N SER A 47 -3.51 -31.01 -12.86
CA SER A 47 -2.11 -30.58 -12.66
C SER A 47 -2.07 -29.47 -11.60
N GLU A 48 -2.92 -28.45 -11.74
CA GLU A 48 -2.84 -27.23 -10.89
C GLU A 48 -3.16 -27.60 -9.44
N TYR A 49 -4.29 -28.24 -9.20
CA TYR A 49 -4.70 -28.73 -7.86
C TYR A 49 -3.57 -29.60 -7.29
N ASN A 50 -3.05 -30.54 -8.08
CA ASN A 50 -2.01 -31.48 -7.58
C ASN A 50 -0.76 -30.71 -7.16
N THR A 51 -0.34 -29.73 -7.95
CA THR A 51 0.88 -28.91 -7.66
C THR A 51 0.68 -28.19 -6.32
N ILE A 52 -0.47 -27.53 -6.16
CA ILE A 52 -0.71 -26.72 -4.93
C ILE A 52 -0.87 -27.68 -3.74
N LYS A 53 -1.60 -28.77 -3.92
CA LYS A 53 -1.79 -29.78 -2.85
C LYS A 53 -0.42 -30.31 -2.38
N ASP A 54 0.47 -30.66 -3.30
CA ASP A 54 1.83 -31.19 -2.98
C ASP A 54 2.62 -30.18 -2.13
N LYS A 55 2.53 -28.88 -2.44
CA LYS A 55 3.25 -27.83 -1.65
C LYS A 55 2.75 -27.86 -0.20
N PHE A 56 1.46 -28.11 0.00
CA PHE A 56 0.81 -28.15 1.34
C PHE A 56 1.20 -29.45 2.04
N THR A 57 1.06 -30.60 1.36
CA THR A 57 1.31 -31.94 1.96
C THR A 57 2.78 -32.20 2.25
N ARG A 58 3.69 -31.42 1.66
CA ARG A 58 5.13 -31.53 2.01
C ARG A 58 5.25 -31.48 3.54
N THR A 59 4.48 -30.61 4.21
CA THR A 59 4.60 -30.42 5.67
C THR A 59 3.26 -30.65 6.41
N CYS A 60 2.13 -30.79 5.71
CA CYS A 60 0.78 -30.89 6.33
C CYS A 60 0.06 -32.15 5.84
N SER A 61 0.78 -33.24 5.63
CA SER A 61 0.21 -34.51 5.11
C SER A 61 -0.79 -35.11 6.11
N SER A 62 -0.75 -34.71 7.39
CA SER A 62 -1.68 -35.26 8.43
C SER A 62 -3.02 -34.50 8.43
N TYR A 63 -3.15 -33.43 7.65
CA TYR A 63 -4.40 -32.63 7.59
C TYR A 63 -5.35 -33.22 6.55
N ALA A 64 -6.58 -32.70 6.48
CA ALA A 64 -7.63 -33.09 5.53
C ALA A 64 -8.00 -31.86 4.70
N ILE A 65 -7.74 -31.90 3.39
CA ILE A 65 -8.05 -30.79 2.45
C ILE A 65 -9.52 -30.92 2.03
N GLU A 66 -10.31 -29.89 2.28
CA GLU A 66 -11.73 -29.83 1.85
C GLU A 66 -11.77 -29.32 0.40
N LYS A 67 -11.10 -28.20 0.14
CA LYS A 67 -11.00 -27.64 -1.24
C LYS A 67 -9.83 -26.66 -1.35
N ILE A 68 -9.49 -26.38 -2.60
CA ILE A 68 -8.48 -25.38 -2.99
C ILE A 68 -9.13 -24.47 -4.03
N GLU A 69 -9.03 -23.17 -3.80
CA GLU A 69 -9.64 -22.15 -4.67
C GLU A 69 -8.53 -21.26 -5.24
N ARG A 70 -8.60 -21.00 -6.54
CA ARG A 70 -7.76 -20.00 -7.23
C ARG A 70 -8.40 -18.63 -7.04
N ILE A 71 -7.63 -17.68 -6.52
CA ILE A 71 -8.10 -16.28 -6.34
C ILE A 71 -7.79 -15.53 -7.63
N GLN A 72 -8.82 -15.11 -8.35
CA GLN A 72 -8.70 -14.31 -9.60
C GLN A 72 -9.15 -12.89 -9.27
N ASN A 73 -8.20 -12.06 -8.88
CA ASN A 73 -8.47 -10.67 -8.47
C ASN A 73 -7.66 -9.78 -9.40
N ALA A 74 -8.29 -9.27 -10.46
CA ALA A 74 -7.57 -8.57 -11.54
C ALA A 74 -6.84 -7.35 -10.98
N PHE A 75 -7.49 -6.55 -10.14
CA PHE A 75 -6.90 -5.31 -9.58
C PHE A 75 -5.68 -5.62 -8.72
N LEU A 76 -5.79 -6.60 -7.82
CA LEU A 76 -4.67 -6.98 -6.92
C LEU A 76 -3.52 -7.52 -7.77
N TRP A 77 -3.84 -8.32 -8.77
CA TRP A 77 -2.81 -8.90 -9.67
C TRP A 77 -2.08 -7.77 -10.38
N GLN A 78 -2.83 -6.82 -10.91
CA GLN A 78 -2.28 -5.66 -11.65
CA GLN A 78 -2.22 -5.71 -11.66
C GLN A 78 -1.26 -4.93 -10.75
N SER A 79 -1.69 -4.57 -9.54
CA SER A 79 -0.85 -3.76 -8.62
C SER A 79 0.39 -4.57 -8.23
N TYR A 80 0.22 -5.86 -7.98
CA TYR A 80 1.32 -6.78 -7.64
C TYR A 80 2.33 -6.86 -8.79
N GLN A 81 1.85 -7.05 -10.02
CA GLN A 81 2.77 -7.22 -11.18
C GLN A 81 3.53 -5.92 -11.43
N VAL A 82 2.91 -4.76 -11.18
CA VAL A 82 3.61 -3.46 -11.29
C VAL A 82 4.75 -3.44 -10.27
N LYS A 83 4.48 -3.83 -9.03
CA LYS A 83 5.52 -3.87 -7.98
CA LYS A 83 5.53 -3.88 -7.96
C LYS A 83 6.62 -4.87 -8.37
N LYS A 84 6.23 -6.02 -8.93
CA LYS A 84 7.23 -7.02 -9.34
C LYS A 84 8.13 -6.42 -10.41
N ARG A 85 7.56 -5.78 -11.42
CA ARG A 85 8.36 -5.21 -12.52
C ARG A 85 9.33 -4.17 -11.96
N GLN A 86 8.88 -3.34 -11.02
CA GLN A 86 9.70 -2.30 -10.38
C GLN A 86 10.84 -2.95 -9.58
N MET A 87 10.54 -4.01 -8.83
CA MET A 87 11.55 -4.67 -7.98
C MET A 87 12.58 -5.39 -8.88
N ASP A 88 12.14 -6.00 -9.97
CA ASP A 88 13.03 -6.66 -10.96
C ASP A 88 13.98 -5.60 -11.55
N ILE A 89 13.50 -4.38 -11.83
CA ILE A 89 14.36 -3.27 -12.35
C ILE A 89 15.36 -2.83 -11.28
N LYS A 90 14.86 -2.56 -10.07
CA LYS A 90 15.64 -2.02 -8.93
C LYS A 90 16.78 -2.97 -8.59
N ASN A 91 16.49 -4.28 -8.52
CA ASN A 91 17.43 -5.31 -8.03
C ASN A 91 18.25 -5.88 -9.19
N ASP A 92 17.88 -5.52 -10.43
CA ASP A 92 18.56 -5.91 -11.69
C ASP A 92 18.61 -7.45 -11.82
N HIS A 93 17.54 -8.14 -11.42
CA HIS A 93 17.36 -9.61 -11.62
C HIS A 93 15.89 -9.98 -11.37
N LYS A 94 15.49 -11.21 -11.72
CA LYS A 94 14.09 -11.72 -11.62
C LYS A 94 13.94 -12.73 -10.48
N ASN A 95 14.84 -12.74 -9.50
CA ASN A 95 14.82 -13.71 -8.38
C ASN A 95 14.18 -13.07 -7.16
N ASN A 96 13.10 -12.31 -7.33
CA ASN A 96 12.53 -11.47 -6.25
C ASN A 96 11.28 -12.10 -5.62
N GLU A 97 10.78 -13.19 -6.20
CA GLU A 97 9.46 -13.78 -5.84
C GLU A 97 9.65 -15.14 -5.18
N ARG A 98 8.87 -15.42 -4.13
CA ARG A 98 8.83 -16.73 -3.43
C ARG A 98 7.36 -17.08 -3.19
N LEU A 99 7.05 -18.37 -3.14
CA LEU A 99 5.69 -18.87 -2.82
C LEU A 99 5.68 -19.22 -1.33
N LEU A 100 4.86 -18.55 -0.55
CA LEU A 100 4.83 -18.68 0.91
C LEU A 100 3.39 -18.92 1.35
N PHE A 101 3.22 -19.23 2.63
CA PHE A 101 1.91 -19.57 3.20
C PHE A 101 1.48 -18.52 4.20
N HIS A 102 0.18 -18.33 4.33
CA HIS A 102 -0.40 -17.41 5.35
C HIS A 102 -1.69 -18.01 5.89
N GLY A 103 -1.66 -18.38 7.16
CA GLY A 103 -2.86 -18.83 7.87
C GLY A 103 -3.62 -17.64 8.43
N THR A 104 -4.94 -17.69 8.35
CA THR A 104 -5.77 -16.61 8.93
C THR A 104 -7.13 -17.16 9.37
N ASP A 105 -7.92 -16.32 10.03
CA ASP A 105 -9.24 -16.71 10.55
C ASP A 105 -10.26 -16.55 9.42
N ALA A 106 -11.39 -17.24 9.52
CA ALA A 106 -12.48 -17.19 8.52
C ALA A 106 -12.95 -15.75 8.32
N ASP A 107 -13.00 -14.93 9.36
CA ASP A 107 -13.61 -13.57 9.26
C ASP A 107 -12.71 -12.67 8.40
N SER A 108 -11.42 -13.02 8.23
CA SER A 108 -10.44 -12.22 7.44
C SER A 108 -10.42 -12.66 5.97
N VAL A 109 -10.93 -13.85 5.65
CA VAL A 109 -10.82 -14.43 4.29
C VAL A 109 -11.46 -13.49 3.26
N PRO A 110 -12.71 -12.99 3.42
CA PRO A 110 -13.31 -12.13 2.40
C PRO A 110 -12.44 -10.90 2.13
N TYR A 111 -11.89 -10.32 3.19
CA TYR A 111 -11.05 -9.11 3.07
C TYR A 111 -9.82 -9.44 2.22
N VAL A 112 -9.11 -10.51 2.56
CA VAL A 112 -7.84 -10.88 1.87
C VAL A 112 -8.16 -11.18 0.41
N ASN A 113 -9.23 -11.93 0.15
CA ASN A 113 -9.58 -12.28 -1.25
C ASN A 113 -9.73 -11.00 -2.08
N GLN A 114 -10.35 -9.97 -1.51
CA GLN A 114 -10.71 -8.73 -2.25
C GLN A 114 -9.56 -7.73 -2.23
N HIS A 115 -8.90 -7.56 -1.08
CA HIS A 115 -7.98 -6.42 -0.82
C HIS A 115 -6.54 -6.88 -0.57
N GLY A 116 -6.32 -8.19 -0.44
CA GLY A 116 -4.99 -8.75 -0.13
C GLY A 116 -4.60 -8.46 1.31
N PHE A 117 -3.31 -8.31 1.56
CA PHE A 117 -2.72 -8.26 2.91
C PHE A 117 -2.53 -6.82 3.34
N ASN A 118 -2.84 -6.56 4.59
CA ASN A 118 -2.86 -5.21 5.20
C ASN A 118 -2.13 -5.26 6.54
N ARG A 119 -0.96 -4.64 6.62
CA ARG A 119 -0.15 -4.62 7.86
C ARG A 119 -0.93 -3.95 9.00
N SER A 120 -1.95 -3.13 8.70
CA SER A 120 -2.71 -2.35 9.71
C SER A 120 -3.74 -3.26 10.39
N CYS A 121 -3.97 -4.45 9.83
CA CYS A 121 -4.84 -5.52 10.41
C CYS A 121 -3.96 -6.55 11.14
N ASN A 125 -1.27 -11.40 17.27
CA ASN A 125 -0.14 -12.36 17.20
C ASN A 125 1.19 -11.61 17.28
N ALA A 126 2.25 -12.29 17.75
CA ALA A 126 3.58 -11.71 18.00
C ALA A 126 4.12 -11.08 16.70
N VAL A 127 4.78 -9.93 16.83
CA VAL A 127 5.32 -9.14 15.68
C VAL A 127 6.81 -8.89 15.93
N SER A 128 7.52 -9.94 16.33
CA SER A 128 8.92 -9.92 16.79
C SER A 128 9.86 -9.46 15.68
N TYR A 129 9.47 -9.60 14.40
CA TYR A 129 10.37 -9.26 13.28
C TYR A 129 9.89 -7.99 12.58
N GLY A 130 8.92 -7.28 13.16
CA GLY A 130 8.43 -6.00 12.62
C GLY A 130 6.92 -6.00 12.39
N LYS A 131 6.35 -4.80 12.23
CA LYS A 131 4.90 -4.57 12.06
C LYS A 131 4.59 -4.65 10.57
N GLY A 132 4.62 -5.86 10.04
CA GLY A 132 4.23 -6.13 8.66
C GLY A 132 3.35 -7.36 8.59
N THR A 133 3.16 -7.88 7.38
CA THR A 133 2.40 -9.13 7.18
C THR A 133 3.42 -10.27 7.14
N TYR A 134 3.12 -11.33 7.90
CA TYR A 134 3.99 -12.51 8.09
C TYR A 134 3.57 -13.62 7.13
N PHE A 135 4.57 -14.27 6.54
CA PHE A 135 4.40 -15.41 5.62
C PHE A 135 5.38 -16.51 6.02
N ALA A 136 4.93 -17.75 6.03
CA ALA A 136 5.74 -18.91 6.42
C ALA A 136 6.26 -19.61 5.18
N VAL A 137 7.48 -20.12 5.30
CA VAL A 137 8.08 -21.04 4.30
C VAL A 137 7.32 -22.38 4.31
N ASP A 138 7.00 -22.90 5.49
CA ASP A 138 6.34 -24.22 5.67
C ASP A 138 4.84 -24.02 5.95
N ALA A 139 3.98 -24.76 5.25
CA ALA A 139 2.53 -24.74 5.52
C ALA A 139 2.28 -25.14 6.98
N SER A 140 3.09 -26.04 7.53
CA SER A 140 2.94 -26.54 8.91
C SER A 140 2.97 -25.38 9.90
N TYR A 141 3.73 -24.32 9.62
CA TYR A 141 3.80 -23.16 10.55
C TYR A 141 2.49 -22.39 10.47
N SER A 142 2.02 -22.10 9.26
CA SER A 142 0.73 -21.41 9.01
C SER A 142 -0.45 -22.26 9.51
N ALA A 143 -0.28 -23.58 9.63
CA ALA A 143 -1.36 -24.51 10.05
C ALA A 143 -1.58 -24.44 11.57
N LYS A 144 -0.72 -23.74 12.31
CA LYS A 144 -0.96 -23.53 13.76
C LYS A 144 -2.32 -22.84 13.97
N ASP A 145 -3.09 -23.29 14.96
CA ASP A 145 -4.43 -22.73 15.26
C ASP A 145 -4.33 -21.23 15.56
N THR A 146 -3.19 -20.72 16.06
CA THR A 146 -3.04 -19.28 16.38
C THR A 146 -3.22 -18.44 15.10
N TYR A 147 -2.89 -18.99 13.92
CA TYR A 147 -2.90 -18.28 12.61
C TYR A 147 -4.13 -18.72 11.82
N SER A 148 -4.19 -19.99 11.44
CA SER A 148 -5.35 -20.58 10.72
C SER A 148 -6.39 -21.05 11.75
N LYS A 149 -7.00 -20.08 12.46
CA LYS A 149 -7.95 -20.31 13.58
CA LYS A 149 -7.96 -20.30 13.56
C LYS A 149 -9.10 -21.21 13.10
N PRO A 150 -9.36 -22.35 13.77
CA PRO A 150 -10.47 -23.20 13.37
C PRO A 150 -11.81 -22.49 13.67
N ASP A 151 -12.76 -22.51 12.73
CA ASP A 151 -14.14 -21.99 12.98
C ASP A 151 -14.91 -23.12 13.67
N SER A 152 -16.22 -22.95 13.86
CA SER A 152 -17.12 -23.90 14.60
C SER A 152 -16.78 -25.34 14.23
N ASN A 153 -16.77 -25.65 12.93
CA ASN A 153 -16.74 -27.03 12.37
C ASN A 153 -15.30 -27.53 12.24
N GLY A 154 -14.31 -26.78 12.74
CA GLY A 154 -12.90 -27.16 12.67
C GLY A 154 -12.27 -26.72 11.36
N ARG A 155 -12.99 -25.96 10.53
CA ARG A 155 -12.48 -25.47 9.22
C ARG A 155 -11.36 -24.46 9.46
N LYS A 156 -10.23 -24.69 8.81
CA LYS A 156 -9.03 -23.82 8.87
C LYS A 156 -8.74 -23.29 7.47
N HIS A 157 -8.11 -22.13 7.39
CA HIS A 157 -7.89 -21.39 6.11
C HIS A 157 -6.44 -20.98 6.00
N MET A 158 -5.83 -21.30 4.86
CA MET A 158 -4.42 -20.93 4.57
C MET A 158 -4.32 -20.50 3.12
N TYR A 159 -3.68 -19.36 2.90
CA TYR A 159 -3.35 -18.88 1.54
C TYR A 159 -1.99 -19.40 1.11
N VAL A 160 -1.88 -19.67 -0.18
CA VAL A 160 -0.60 -19.81 -0.91
C VAL A 160 -0.40 -18.47 -1.60
N VAL A 161 0.72 -17.83 -1.33
CA VAL A 161 0.91 -16.38 -1.62
C VAL A 161 2.16 -16.19 -2.46
N ARG A 162 2.06 -15.41 -3.53
CA ARG A 162 3.24 -14.91 -4.26
CA ARG A 162 3.24 -14.91 -4.26
C ARG A 162 3.77 -13.69 -3.51
N VAL A 163 4.99 -13.75 -3.01
CA VAL A 163 5.55 -12.68 -2.14
C VAL A 163 6.82 -12.15 -2.79
N LEU A 164 6.88 -10.82 -2.92
CA LEU A 164 8.09 -10.14 -3.41
C LEU A 164 9.06 -9.94 -2.24
N THR A 165 9.78 -11.01 -1.90
CA THR A 165 10.78 -11.02 -0.81
C THR A 165 12.04 -10.24 -1.23
N GLY A 166 12.37 -10.21 -2.53
CA GLY A 166 13.53 -9.47 -3.06
C GLY A 166 14.79 -9.74 -2.25
N VAL A 167 15.47 -8.67 -1.90
CA VAL A 167 16.72 -8.70 -1.07
C VAL A 167 16.27 -8.50 0.37
N PHE A 168 16.63 -9.43 1.25
CA PHE A 168 16.11 -9.44 2.64
C PHE A 168 17.26 -9.44 3.63
N THR A 169 16.91 -9.03 4.85
CA THR A 169 17.82 -8.97 6.01
C THR A 169 17.06 -9.48 7.23
N LYS A 170 17.77 -9.69 8.32
CA LYS A 170 17.13 -10.10 9.59
C LYS A 170 16.23 -8.96 10.08
N GLY A 171 15.00 -9.30 10.49
CA GLY A 171 14.07 -8.35 11.11
C GLY A 171 14.36 -8.17 12.58
N ARG A 172 13.60 -7.28 13.22
CA ARG A 172 13.64 -7.04 14.67
C ARG A 172 12.36 -6.32 15.06
N ALA A 173 12.05 -6.29 16.35
CA ALA A 173 10.78 -5.75 16.87
C ALA A 173 10.74 -4.27 16.54
N GLY A 174 9.57 -3.77 16.15
CA GLY A 174 9.31 -2.33 16.05
C GLY A 174 9.55 -1.78 14.66
N LEU A 175 10.14 -2.55 13.76
CA LEU A 175 10.29 -2.09 12.35
C LEU A 175 8.92 -1.75 11.78
N VAL A 176 8.80 -0.61 11.09
CA VAL A 176 7.57 -0.26 10.31
C VAL A 176 7.86 -0.38 8.81
N THR A 177 9.13 -0.37 8.40
CA THR A 177 9.60 -0.67 7.02
C THR A 177 10.84 -1.54 7.15
N PRO A 178 11.33 -2.18 6.07
CA PRO A 178 12.61 -2.89 6.14
C PRO A 178 13.71 -1.88 6.40
N PRO A 179 14.83 -2.33 7.00
CA PRO A 179 15.98 -1.46 7.24
C PRO A 179 16.59 -0.99 5.92
N PRO A 180 17.40 0.09 5.95
CA PRO A 180 18.19 0.48 4.80
C PRO A 180 19.32 -0.53 4.56
N LYS A 181 19.71 -0.72 3.30
CA LYS A 181 20.84 -1.60 2.91
C LYS A 181 22.16 -1.01 3.39
N ASN A 182 22.22 0.31 3.58
CA ASN A 182 23.41 1.06 4.05
C ASN A 182 22.93 2.31 4.79
N PRO A 183 23.31 2.52 6.07
CA PRO A 183 22.91 3.74 6.78
C PRO A 183 23.29 5.06 6.07
N HIS A 184 24.16 5.02 5.06
CA HIS A 184 24.61 6.19 4.25
C HIS A 184 23.57 6.60 3.20
N ASN A 185 22.73 5.66 2.72
CA ASN A 185 21.54 5.97 1.89
C ASN A 185 20.31 5.43 2.61
N PRO A 186 19.76 6.19 3.60
CA PRO A 186 18.68 5.69 4.45
C PRO A 186 17.39 5.30 3.72
N THR A 187 17.16 5.79 2.49
CA THR A 187 15.90 5.50 1.73
C THR A 187 16.04 4.28 0.82
N ASP A 188 17.25 3.76 0.58
CA ASP A 188 17.44 2.55 -0.27
C ASP A 188 17.26 1.30 0.62
N LEU A 189 16.05 0.74 0.66
CA LEU A 189 15.65 -0.28 1.68
C LEU A 189 15.85 -1.70 1.16
N PHE A 190 16.05 -2.62 2.10
CA PHE A 190 15.76 -4.06 1.87
C PHE A 190 14.29 -4.18 1.44
N ASP A 191 13.96 -5.24 0.71
CA ASP A 191 12.57 -5.47 0.21
C ASP A 191 11.72 -6.14 1.29
N SER A 192 12.34 -6.96 2.13
CA SER A 192 11.63 -7.70 3.20
C SER A 192 12.58 -8.04 4.33
N VAL A 193 12.05 -8.57 5.42
CA VAL A 193 12.90 -9.10 6.51
C VAL A 193 12.51 -10.55 6.77
N THR A 194 13.39 -11.23 7.47
CA THR A 194 13.25 -12.67 7.78
C THR A 194 13.74 -12.92 9.20
N ASN A 195 13.42 -14.10 9.71
CA ASN A 195 13.96 -14.53 11.02
C ASN A 195 15.45 -14.89 10.89
N ASN A 196 15.89 -15.40 9.74
CA ASN A 196 17.24 -15.98 9.56
C ASN A 196 17.59 -15.91 8.07
N THR A 197 18.64 -15.18 7.72
CA THR A 197 18.98 -14.91 6.30
C THR A 197 19.53 -16.19 5.64
N ARG A 198 20.21 -17.05 6.41
CA ARG A 198 20.89 -18.26 5.88
C ARG A 198 19.84 -19.33 5.58
N SER A 199 18.87 -19.48 6.49
CA SER A 199 17.82 -20.54 6.45
C SER A 199 16.51 -19.94 6.89
N PRO A 200 15.89 -19.10 6.03
CA PRO A 200 14.66 -18.40 6.41
C PRO A 200 13.49 -19.37 6.61
N LYS A 201 12.66 -19.08 7.61
CA LYS A 201 11.40 -19.84 7.83
C LYS A 201 10.20 -18.89 7.77
N LEU A 202 10.42 -17.59 7.78
CA LEU A 202 9.32 -16.63 7.64
C LEU A 202 9.86 -15.36 6.99
N PHE A 203 8.97 -14.64 6.34
CA PHE A 203 9.25 -13.31 5.76
C PHE A 203 8.18 -12.35 6.20
N VAL A 204 8.57 -11.09 6.32
CA VAL A 204 7.64 -9.99 6.68
C VAL A 204 7.75 -8.94 5.59
N VAL A 205 6.61 -8.55 5.04
CA VAL A 205 6.58 -7.41 4.07
C VAL A 205 5.74 -6.29 4.67
N PHE A 206 6.07 -5.07 4.28
CA PHE A 206 5.62 -3.84 4.98
C PHE A 206 4.86 -2.93 4.02
N PHE A 207 4.59 -3.39 2.79
CA PHE A 207 3.90 -2.55 1.80
C PHE A 207 2.77 -3.31 1.14
N ASP A 208 1.71 -2.58 0.84
CA ASP A 208 0.53 -3.13 0.13
C ASP A 208 1.00 -3.61 -1.23
N ASN A 209 0.46 -4.73 -1.69
CA ASN A 209 0.67 -5.15 -3.10
C ASN A 209 2.10 -5.70 -3.25
N GLN A 210 2.77 -6.08 -2.15
CA GLN A 210 4.01 -6.90 -2.22
C GLN A 210 3.68 -8.38 -2.11
N ALA A 211 2.42 -8.73 -2.00
CA ALA A 211 1.98 -10.12 -1.82
C ALA A 211 0.67 -10.29 -2.58
N TYR A 212 0.56 -11.35 -3.36
CA TYR A 212 -0.68 -11.69 -4.10
C TYR A 212 -1.21 -13.01 -3.56
N PRO A 213 -2.42 -13.02 -2.96
CA PRO A 213 -3.01 -14.26 -2.48
C PRO A 213 -3.46 -15.08 -3.69
N GLU A 214 -2.78 -16.19 -3.97
CA GLU A 214 -2.96 -16.92 -5.24
C GLU A 214 -3.95 -18.08 -5.05
N TYR A 215 -3.85 -18.83 -3.95
CA TYR A 215 -4.77 -19.96 -3.66
C TYR A 215 -5.21 -19.87 -2.21
N LEU A 216 -6.44 -20.31 -1.97
CA LEU A 216 -6.99 -20.49 -0.61
C LEU A 216 -7.23 -21.98 -0.39
N ILE A 217 -6.57 -22.53 0.62
CA ILE A 217 -6.76 -23.94 1.04
C ILE A 217 -7.69 -23.95 2.24
N THR A 218 -8.80 -24.66 2.12
CA THR A 218 -9.71 -24.92 3.25
C THR A 218 -9.44 -26.34 3.72
N PHE A 219 -9.11 -26.53 5.00
CA PHE A 219 -8.64 -27.84 5.51
C PHE A 219 -9.02 -28.01 6.98
N THR A 220 -8.90 -29.23 7.48
CA THR A 220 -9.13 -29.59 8.91
C THR A 220 -7.93 -30.41 9.41
N ALA A 221 -7.76 -30.47 10.74
CA ALA A 221 -6.73 -31.29 11.39
C ALA A 221 -7.14 -32.77 11.35
N ASN B 24 4.52 6.22 -20.78
CA ASN B 24 3.79 5.99 -19.49
C ASN B 24 3.94 7.22 -18.58
N LEU B 25 5.16 7.78 -18.47
CA LEU B 25 5.42 9.00 -17.66
C LEU B 25 4.89 10.23 -18.40
N PRO B 26 4.44 11.29 -17.67
CA PRO B 26 3.90 12.49 -18.30
C PRO B 26 4.92 13.16 -19.24
N GLU B 27 4.45 13.66 -20.39
CA GLU B 27 5.33 14.05 -21.52
C GLU B 27 6.06 15.37 -21.24
N HIS B 28 5.57 16.18 -20.31
CA HIS B 28 6.18 17.49 -19.96
C HIS B 28 7.12 17.34 -18.76
N TRP B 29 7.27 16.15 -18.17
CA TRP B 29 8.38 15.88 -17.23
C TRP B 29 9.71 16.12 -17.92
N THR B 30 10.75 16.47 -17.17
CA THR B 30 12.13 16.51 -17.68
C THR B 30 12.57 15.08 -18.01
N ASP B 31 13.37 14.94 -19.06
CA ASP B 31 14.06 13.68 -19.43
C ASP B 31 15.01 13.35 -18.29
N MET B 32 14.82 12.20 -17.66
CA MET B 32 15.64 11.75 -16.52
C MET B 32 16.70 10.77 -17.00
N ASN B 33 16.81 10.61 -18.33
CA ASN B 33 17.68 9.64 -19.05
C ASN B 33 18.00 8.45 -18.12
N HIS B 34 17.06 7.50 -18.04
CA HIS B 34 17.21 6.17 -17.40
C HIS B 34 17.05 6.26 -15.88
N GLN B 35 17.19 7.45 -15.28
CA GLN B 35 16.97 7.65 -13.81
C GLN B 35 15.47 7.55 -13.52
N LEU B 36 15.14 7.11 -12.31
CA LEU B 36 13.75 6.78 -11.86
C LEU B 36 13.17 7.92 -11.02
N PHE B 37 13.99 8.90 -10.67
CA PHE B 37 13.63 9.92 -9.66
C PHE B 37 14.36 11.23 -9.92
N CYS B 38 13.64 12.36 -9.92
CA CYS B 38 14.23 13.73 -10.03
C CYS B 38 13.31 14.73 -9.32
N MET B 39 13.92 15.71 -8.66
CA MET B 39 13.23 16.91 -8.13
C MET B 39 13.55 18.05 -9.11
N VAL B 40 12.52 18.68 -9.66
CA VAL B 40 12.68 19.74 -10.69
C VAL B 40 12.23 21.09 -10.11
N GLN B 41 13.17 22.02 -10.00
CA GLN B 41 12.86 23.38 -9.49
C GLN B 41 12.06 24.13 -10.56
N LEU B 42 10.92 24.67 -10.18
CA LEU B 42 10.03 25.44 -11.10
C LEU B 42 10.45 26.91 -11.08
N GLU B 43 10.10 27.62 -12.14
CA GLU B 43 10.39 29.06 -12.31
C GLU B 43 9.13 29.86 -12.02
N PRO B 44 9.20 30.87 -11.12
CA PRO B 44 8.12 31.83 -10.97
C PRO B 44 7.71 32.43 -12.32
N GLY B 45 6.42 32.67 -12.52
CA GLY B 45 5.91 33.23 -13.79
C GLY B 45 5.46 32.15 -14.76
N GLN B 46 6.01 30.93 -14.66
CA GLN B 46 5.44 29.77 -15.36
C GLN B 46 4.06 29.50 -14.75
N SER B 47 3.08 29.13 -15.58
CA SER B 47 1.72 28.77 -15.11
C SER B 47 1.83 27.67 -14.04
N GLU B 48 2.76 26.72 -14.22
CA GLU B 48 2.84 25.54 -13.31
C GLU B 48 3.21 26.01 -11.90
N TYR B 49 4.15 26.93 -11.79
CA TYR B 49 4.56 27.52 -10.49
C TYR B 49 3.43 28.39 -9.94
N ASN B 50 2.91 29.30 -10.76
CA ASN B 50 1.92 30.30 -10.29
C ASN B 50 0.65 29.62 -9.78
N THR B 51 0.18 28.55 -10.42
CA THR B 51 -1.06 27.87 -9.94
CA THR B 51 -1.07 27.88 -9.94
C THR B 51 -0.85 27.32 -8.53
N ILE B 52 0.32 26.73 -8.25
CA ILE B 52 0.64 26.17 -6.90
C ILE B 52 0.78 27.34 -5.92
N LYS B 53 1.52 28.38 -6.31
CA LYS B 53 1.68 29.56 -5.43
C LYS B 53 0.29 30.11 -5.09
N ASP B 54 -0.60 30.25 -6.07
CA ASP B 54 -1.96 30.83 -5.85
C ASP B 54 -2.74 29.92 -4.91
N LYS B 55 -2.65 28.60 -5.10
CA LYS B 55 -3.40 27.60 -4.28
C LYS B 55 -2.94 27.70 -2.82
N PHE B 56 -1.64 27.85 -2.61
CA PHE B 56 -0.99 28.07 -1.29
C PHE B 56 -1.42 29.42 -0.68
N THR B 57 -1.26 30.52 -1.43
CA THR B 57 -1.44 31.89 -0.88
C THR B 57 -2.91 32.14 -0.57
N ARG B 58 -3.83 31.38 -1.19
CA ARG B 58 -5.28 31.50 -0.94
C ARG B 58 -5.51 31.52 0.58
N THR B 59 -4.80 30.69 1.34
CA THR B 59 -4.96 30.58 2.82
C THR B 59 -3.65 30.79 3.59
N CYS B 60 -2.50 30.97 2.92
CA CYS B 60 -1.16 31.13 3.57
C CYS B 60 -0.43 32.40 3.11
N SER B 61 -1.13 33.51 2.91
CA SER B 61 -0.55 34.76 2.35
C SER B 61 0.45 35.41 3.31
N SER B 62 0.49 35.02 4.59
CA SER B 62 1.44 35.57 5.60
C SER B 62 2.81 34.90 5.48
N TYR B 63 2.89 33.75 4.78
CA TYR B 63 4.14 32.99 4.56
C TYR B 63 4.70 33.39 3.20
N ALA B 64 5.95 33.05 2.94
CA ALA B 64 6.63 33.32 1.66
C ALA B 64 7.29 32.04 1.16
N ILE B 65 7.06 31.73 -0.09
CA ILE B 65 7.63 30.53 -0.76
C ILE B 65 9.10 30.79 -1.09
N GLU B 66 9.96 29.86 -0.70
CA GLU B 66 11.37 29.82 -1.11
C GLU B 66 11.45 29.20 -2.50
N LYS B 67 10.87 28.03 -2.68
CA LYS B 67 10.92 27.32 -3.97
C LYS B 67 9.80 26.29 -4.05
N ILE B 68 9.51 25.89 -5.28
CA ILE B 68 8.54 24.81 -5.56
C ILE B 68 9.24 23.81 -6.47
N GLU B 69 9.25 22.55 -6.05
CA GLU B 69 9.91 21.48 -6.81
C GLU B 69 8.84 20.50 -7.29
N ARG B 70 8.87 20.18 -8.57
CA ARG B 70 8.07 19.08 -9.14
C ARG B 70 8.76 17.76 -8.80
N ILE B 71 8.01 16.83 -8.21
CA ILE B 71 8.52 15.49 -7.83
C ILE B 71 8.25 14.54 -8.99
N GLN B 72 9.32 14.04 -9.61
CA GLN B 72 9.24 13.07 -10.72
C GLN B 72 9.70 11.72 -10.16
N ASN B 73 8.77 10.91 -9.72
CA ASN B 73 9.06 9.59 -9.12
C ASN B 73 8.33 8.54 -9.95
N ALA B 74 9.07 7.87 -10.83
CA ALA B 74 8.50 6.99 -11.86
C ALA B 74 7.70 5.87 -11.20
N PHE B 75 8.28 5.21 -10.19
CA PHE B 75 7.62 4.03 -9.57
C PHE B 75 6.38 4.48 -8.81
N LEU B 76 6.45 5.54 -8.02
CA LEU B 76 5.25 6.02 -7.28
C LEU B 76 4.17 6.42 -8.29
N TRP B 77 4.54 7.11 -9.36
CA TRP B 77 3.56 7.53 -10.39
C TRP B 77 2.87 6.30 -10.96
N GLN B 78 3.65 5.29 -11.35
CA GLN B 78 3.11 4.06 -11.99
C GLN B 78 2.07 3.41 -11.07
N SER B 79 2.43 3.21 -9.81
CA SER B 79 1.56 2.50 -8.84
C SER B 79 0.32 3.35 -8.56
N TYR B 80 0.48 4.66 -8.41
CA TYR B 80 -0.64 5.58 -8.19
C TYR B 80 -1.59 5.56 -9.39
N GLN B 81 -1.05 5.67 -10.61
CA GLN B 81 -1.89 5.73 -11.83
C GLN B 81 -2.65 4.41 -12.01
N VAL B 82 -2.08 3.28 -11.59
CA VAL B 82 -2.82 1.99 -11.60
C VAL B 82 -4.00 2.06 -10.62
N LYS B 83 -3.77 2.56 -9.42
CA LYS B 83 -4.86 2.70 -8.41
C LYS B 83 -5.94 3.65 -8.92
N LYS B 84 -5.54 4.72 -9.61
CA LYS B 84 -6.53 5.71 -10.10
C LYS B 84 -7.40 5.06 -11.17
N ARG B 85 -6.78 4.34 -12.12
CA ARG B 85 -7.54 3.64 -13.18
C ARG B 85 -8.54 2.68 -12.53
N GLN B 86 -8.10 1.94 -11.52
CA GLN B 86 -8.95 0.95 -10.82
C GLN B 86 -10.11 1.67 -10.15
N MET B 87 -9.86 2.78 -9.46
CA MET B 87 -10.94 3.51 -8.74
C MET B 87 -11.90 4.11 -9.77
N ASP B 88 -11.37 4.66 -10.86
CA ASP B 88 -12.23 5.24 -11.93
C ASP B 88 -13.14 4.15 -12.50
N ILE B 89 -12.62 2.93 -12.70
CA ILE B 89 -13.42 1.81 -13.22
C ILE B 89 -14.50 1.47 -12.17
N LYS B 90 -14.07 1.30 -10.93
CA LYS B 90 -14.93 0.82 -9.82
C LYS B 90 -16.08 1.81 -9.57
N ASN B 91 -15.78 3.11 -9.55
CA ASN B 91 -16.75 4.14 -9.12
C ASN B 91 -17.58 4.60 -10.33
N ASP B 92 -17.11 4.29 -11.55
CA ASP B 92 -17.81 4.58 -12.83
C ASP B 92 -17.99 6.09 -12.99
N HIS B 93 -16.98 6.85 -12.55
CA HIS B 93 -16.79 8.29 -12.83
C HIS B 93 -15.33 8.62 -12.57
N LYS B 94 -14.89 9.80 -13.03
CA LYS B 94 -13.49 10.29 -12.93
C LYS B 94 -13.45 11.53 -12.03
N ASN B 95 -14.25 11.55 -10.96
CA ASN B 95 -14.23 12.61 -9.92
C ASN B 95 -13.56 12.07 -8.65
N ASN B 96 -12.53 11.23 -8.81
CA ASN B 96 -11.97 10.46 -7.68
C ASN B 96 -10.73 11.13 -7.10
N GLU B 97 -10.19 12.14 -7.78
CA GLU B 97 -8.88 12.72 -7.41
C GLU B 97 -9.04 14.19 -7.02
N ARG B 98 -8.43 14.54 -5.90
CA ARG B 98 -8.37 15.91 -5.36
C ARG B 98 -6.89 16.29 -5.22
N LEU B 99 -6.61 17.58 -5.30
CA LEU B 99 -5.25 18.11 -5.07
C LEU B 99 -5.23 18.72 -3.67
N LEU B 100 -4.51 18.09 -2.76
CA LEU B 100 -4.53 18.41 -1.33
C LEU B 100 -3.12 18.73 -0.85
N PHE B 101 -3.01 19.17 0.40
CA PHE B 101 -1.73 19.57 1.01
C PHE B 101 -1.33 18.59 2.11
N HIS B 102 -0.04 18.46 2.34
CA HIS B 102 0.49 17.64 3.45
C HIS B 102 1.74 18.30 4.01
N GLY B 103 1.62 18.86 5.21
CA GLY B 103 2.76 19.43 5.93
C GLY B 103 3.55 18.32 6.61
N THR B 104 4.88 18.34 6.53
CA THR B 104 5.68 17.36 7.30
C THR B 104 7.00 17.98 7.72
N ASP B 105 7.75 17.22 8.52
CA ASP B 105 9.07 17.66 9.04
C ASP B 105 10.15 17.42 7.98
N ALA B 106 11.25 18.14 8.10
CA ALA B 106 12.40 18.01 7.18
C ALA B 106 12.90 16.56 7.16
N ASP B 107 12.91 15.87 8.30
CA ASP B 107 13.48 14.50 8.43
C ASP B 107 12.67 13.52 7.56
N SER B 108 11.40 13.80 7.27
CA SER B 108 10.50 12.89 6.52
C SER B 108 10.61 13.12 5.00
N VAL B 109 11.14 14.27 4.58
CA VAL B 109 11.09 14.67 3.15
C VAL B 109 11.81 13.65 2.27
N PRO B 110 13.05 13.21 2.58
CA PRO B 110 13.71 12.23 1.71
C PRO B 110 12.89 10.94 1.52
N TYR B 111 12.28 10.45 2.60
CA TYR B 111 11.45 9.23 2.54
C TYR B 111 10.23 9.47 1.64
N VAL B 112 9.46 10.53 1.91
CA VAL B 112 8.23 10.83 1.12
C VAL B 112 8.59 10.98 -0.37
N ASN B 113 9.67 11.72 -0.69
CA ASN B 113 10.08 11.94 -2.09
C ASN B 113 10.27 10.61 -2.82
N GLN B 114 10.84 9.60 -2.12
CA GLN B 114 11.24 8.31 -2.71
C GLN B 114 10.11 7.28 -2.62
N HIS B 115 9.38 7.27 -1.50
CA HIS B 115 8.50 6.13 -1.11
C HIS B 115 7.05 6.57 -0.87
N GLY B 116 6.76 7.86 -0.90
CA GLY B 116 5.39 8.39 -0.69
C GLY B 116 4.99 8.37 0.77
N PHE B 117 3.69 8.32 1.00
CA PHE B 117 3.05 8.50 2.31
C PHE B 117 2.74 7.15 2.92
N ASN B 118 3.33 6.92 4.09
CA ASN B 118 3.26 5.63 4.81
C ASN B 118 2.38 5.82 6.06
N ARG B 119 1.18 5.25 6.07
CA ARG B 119 0.26 5.37 7.23
C ARG B 119 0.93 4.87 8.52
N SER B 120 1.88 3.94 8.41
CA SER B 120 2.56 3.33 9.58
C SER B 120 3.41 4.37 10.32
N CYS B 121 3.77 5.45 9.64
CA CYS B 121 4.63 6.55 10.17
C CYS B 121 3.79 7.78 10.55
N ALA B 122 2.46 7.74 10.33
CA ALA B 122 1.57 8.91 10.47
C ALA B 122 1.43 9.27 11.94
N GLY B 123 1.49 10.57 12.26
CA GLY B 123 1.18 11.11 13.59
C GLY B 123 -0.31 11.01 13.88
N LYS B 124 -0.70 10.88 15.14
CA LYS B 124 -2.12 11.00 15.56
C LYS B 124 -2.50 12.46 15.34
N ASN B 125 -3.57 12.70 14.60
CA ASN B 125 -4.08 14.06 14.33
C ASN B 125 -4.78 14.59 15.59
N ALA B 126 -4.71 15.91 15.83
CA ALA B 126 -5.38 16.59 16.96
C ALA B 126 -6.89 16.32 16.92
N VAL B 127 -7.49 16.20 15.73
CA VAL B 127 -8.87 15.64 15.64
C VAL B 127 -8.76 14.43 14.73
N SER B 128 -8.81 13.23 15.32
CA SER B 128 -8.62 11.98 14.57
C SER B 128 -9.96 11.49 14.02
N TYR B 129 -9.96 11.27 12.71
CA TYR B 129 -11.04 10.62 11.94
C TYR B 129 -10.56 9.27 11.39
N GLY B 130 -9.50 8.72 11.97
CA GLY B 130 -8.97 7.40 11.58
C GLY B 130 -7.47 7.34 11.62
N LYS B 131 -6.95 6.13 11.62
CA LYS B 131 -5.50 5.85 11.70
C LYS B 131 -4.98 5.73 10.26
N GLY B 132 -4.75 6.86 9.63
CA GLY B 132 -4.29 6.90 8.23
C GLY B 132 -3.43 8.12 7.97
N THR B 133 -3.13 8.37 6.70
CA THR B 133 -2.40 9.59 6.28
C THR B 133 -3.42 10.70 6.00
N TYR B 134 -3.15 11.88 6.55
CA TYR B 134 -4.04 13.06 6.50
C TYR B 134 -3.56 14.00 5.42
N PHE B 135 -4.54 14.52 4.69
CA PHE B 135 -4.34 15.55 3.65
C PHE B 135 -5.34 16.66 3.86
N ALA B 136 -4.89 17.91 3.73
CA ALA B 136 -5.70 19.09 4.03
C ALA B 136 -6.17 19.73 2.72
N VAL B 137 -7.40 20.23 2.72
CA VAL B 137 -7.94 21.05 1.60
C VAL B 137 -7.19 22.39 1.56
N ASP B 138 -6.97 23.00 2.74
CA ASP B 138 -6.40 24.36 2.87
C ASP B 138 -4.92 24.26 3.26
N ALA B 139 -4.06 24.97 2.55
CA ALA B 139 -2.62 25.03 2.88
C ALA B 139 -2.43 25.56 4.31
N SER B 140 -3.32 26.43 4.80
CA SER B 140 -3.24 27.00 6.17
C SER B 140 -3.22 25.90 7.23
N TYR B 141 -3.96 24.82 7.01
CA TYR B 141 -3.97 23.69 7.97
C TYR B 141 -2.59 23.03 8.00
N SER B 142 -2.06 22.68 6.82
CA SER B 142 -0.74 22.01 6.67
C SER B 142 0.40 22.95 7.09
N ALA B 143 0.16 24.26 7.06
CA ALA B 143 1.18 25.29 7.41
C ALA B 143 1.40 25.37 8.92
N LYS B 144 0.53 24.76 9.75
CA LYS B 144 0.73 24.78 11.22
C LYS B 144 2.07 24.11 11.55
N ASP B 145 2.80 24.64 12.52
CA ASP B 145 4.12 24.12 12.94
C ASP B 145 3.97 22.65 13.38
N THR B 146 2.79 22.26 13.87
CA THR B 146 2.53 20.85 14.28
C THR B 146 2.82 19.88 13.11
N TYR B 147 2.57 20.30 11.87
CA TYR B 147 2.73 19.45 10.66
C TYR B 147 4.04 19.82 9.95
N SER B 148 4.10 21.00 9.32
CA SER B 148 5.29 21.50 8.61
C SER B 148 6.27 22.10 9.63
N LYS B 149 6.84 21.24 10.47
CA LYS B 149 7.75 21.69 11.56
C LYS B 149 8.89 22.50 10.96
N PRO B 150 9.14 23.75 11.40
CA PRO B 150 10.30 24.49 10.91
C PRO B 150 11.60 23.73 11.24
N ASP B 151 12.49 23.60 10.26
CA ASP B 151 13.82 22.96 10.46
C ASP B 151 14.75 23.97 11.17
N SER B 152 16.02 23.60 11.34
CA SER B 152 17.02 24.41 12.08
C SER B 152 17.23 25.77 11.38
N ASN B 153 16.87 25.89 10.10
CA ASN B 153 17.05 27.13 9.30
C ASN B 153 15.69 27.82 9.07
N GLY B 154 14.64 27.39 9.77
CA GLY B 154 13.30 28.02 9.68
C GLY B 154 12.58 27.69 8.39
N ARG B 155 13.03 26.67 7.66
CA ARG B 155 12.30 26.21 6.46
C ARG B 155 11.16 25.27 6.87
N LYS B 156 9.97 25.51 6.30
CA LYS B 156 8.78 24.65 6.45
C LYS B 156 8.54 23.93 5.12
N HIS B 157 8.02 22.70 5.18
CA HIS B 157 7.88 21.80 4.02
C HIS B 157 6.44 21.34 3.90
N MET B 158 5.86 21.56 2.73
CA MET B 158 4.47 21.14 2.45
C MET B 158 4.43 20.49 1.09
N TYR B 159 3.86 19.30 1.00
CA TYR B 159 3.62 18.64 -0.29
C TYR B 159 2.28 19.11 -0.84
N VAL B 160 2.19 19.17 -2.15
CA VAL B 160 0.91 19.22 -2.91
C VAL B 160 0.74 17.84 -3.52
N VAL B 161 -0.41 17.22 -3.29
CA VAL B 161 -0.54 15.77 -3.43
C VAL B 161 -1.80 15.47 -4.23
N ARG B 162 -1.68 14.63 -5.24
CA ARG B 162 -2.87 14.03 -5.90
C ARG B 162 -3.34 12.89 -5.01
N VAL B 163 -4.57 12.99 -4.52
CA VAL B 163 -5.14 12.01 -3.56
C VAL B 163 -6.40 11.41 -4.17
N LEU B 164 -6.48 10.09 -4.14
CA LEU B 164 -7.68 9.36 -4.61
C LEU B 164 -8.68 9.30 -3.46
N THR B 165 -9.40 10.40 -3.29
CA THR B 165 -10.44 10.52 -2.23
C THR B 165 -11.66 9.66 -2.60
N GLY B 166 -11.95 9.52 -3.89
CA GLY B 166 -13.10 8.74 -4.38
C GLY B 166 -14.37 9.07 -3.64
N VAL B 167 -15.07 8.02 -3.22
CA VAL B 167 -16.33 8.13 -2.46
C VAL B 167 -15.98 8.09 -0.97
N PHE B 168 -16.43 9.08 -0.22
CA PHE B 168 -16.00 9.26 1.18
C PHE B 168 -17.21 9.44 2.10
N THR B 169 -16.93 9.25 3.36
CA THR B 169 -17.90 9.39 4.47
C THR B 169 -17.17 10.01 5.65
N LYS B 170 -17.91 10.45 6.67
CA LYS B 170 -17.27 11.00 7.89
C LYS B 170 -16.53 9.87 8.60
N GLY B 171 -15.26 10.11 8.91
CA GLY B 171 -14.40 9.13 9.59
C GLY B 171 -14.69 9.04 11.08
N ARG B 172 -13.97 8.12 11.73
N ARG B 172 -13.99 8.12 11.73
CA ARG B 172 -14.04 7.85 13.19
CA ARG B 172 -14.06 7.87 13.19
C ARG B 172 -12.64 7.45 13.63
C ARG B 172 -12.67 7.44 13.64
N ALA B 173 -12.26 7.83 14.84
CA ALA B 173 -10.88 7.63 15.36
C ALA B 173 -10.47 6.14 15.30
N GLY B 174 -11.38 5.19 15.49
CA GLY B 174 -11.01 3.75 15.53
C GLY B 174 -10.61 3.16 14.18
N LEU B 175 -10.90 3.84 13.06
CA LEU B 175 -10.73 3.23 11.71
C LEU B 175 -9.25 2.89 11.46
N VAL B 176 -8.96 1.67 11.00
CA VAL B 176 -7.63 1.34 10.39
C VAL B 176 -7.76 1.13 8.88
N THR B 177 -8.99 1.05 8.36
CA THR B 177 -9.35 1.11 6.91
C THR B 177 -10.61 1.96 6.75
N PRO B 178 -10.98 2.46 5.55
CA PRO B 178 -12.25 3.17 5.44
C PRO B 178 -13.35 2.18 5.79
N PRO B 179 -14.50 2.68 6.27
CA PRO B 179 -15.60 1.81 6.65
C PRO B 179 -16.26 1.26 5.40
N PRO B 180 -17.02 0.16 5.55
CA PRO B 180 -17.87 -0.33 4.48
C PRO B 180 -19.00 0.66 4.18
N LYS B 181 -19.40 0.70 2.91
CA LYS B 181 -20.59 1.48 2.50
C LYS B 181 -21.85 0.82 3.09
N ASN B 182 -21.80 -0.49 3.27
CA ASN B 182 -22.96 -1.32 3.64
C ASN B 182 -22.51 -2.33 4.68
N PRO B 183 -23.08 -2.32 5.89
CA PRO B 183 -22.58 -3.20 6.96
C PRO B 183 -22.75 -4.70 6.65
N HIS B 184 -23.62 -5.06 5.71
CA HIS B 184 -23.85 -6.47 5.33
C HIS B 184 -22.92 -6.90 4.20
N ASN B 185 -22.06 -5.97 3.73
CA ASN B 185 -21.02 -6.28 2.73
C ASN B 185 -19.73 -5.61 3.20
N PRO B 186 -19.09 -6.17 4.25
CA PRO B 186 -17.99 -5.48 4.91
C PRO B 186 -16.76 -5.17 4.03
N THR B 187 -16.60 -5.84 2.90
CA THR B 187 -15.37 -5.66 2.07
C THR B 187 -15.55 -4.58 1.01
N ASP B 188 -16.75 -4.04 0.81
CA ASP B 188 -17.00 -3.01 -0.23
C ASP B 188 -16.88 -1.65 0.45
N LEU B 189 -15.71 -1.04 0.34
CA LEU B 189 -15.28 0.06 1.22
C LEU B 189 -15.53 1.43 0.58
N PHE B 190 -15.72 2.44 1.41
CA PHE B 190 -15.47 3.84 1.00
C PHE B 190 -13.99 3.91 0.60
N ASP B 191 -13.66 4.86 -0.26
CA ASP B 191 -12.26 5.05 -0.71
C ASP B 191 -11.44 5.85 0.32
N SER B 192 -12.08 6.76 1.02
CA SER B 192 -11.43 7.64 2.02
C SER B 192 -12.46 8.09 3.04
N VAL B 193 -12.01 8.78 4.09
CA VAL B 193 -12.93 9.43 5.04
C VAL B 193 -12.54 10.91 5.17
N THR B 194 -13.44 11.68 5.73
CA THR B 194 -13.27 13.13 5.91
C THR B 194 -13.76 13.52 7.29
N ASN B 195 -13.56 14.79 7.63
CA ASN B 195 -14.03 15.37 8.91
C ASN B 195 -15.52 15.72 8.79
N ASN B 196 -16.00 16.05 7.59
CA ASN B 196 -17.34 16.61 7.33
C ASN B 196 -17.67 16.42 5.85
N THR B 197 -18.71 15.67 5.51
CA THR B 197 -19.02 15.33 4.09
C THR B 197 -19.58 16.56 3.37
N ARG B 198 -20.30 17.42 4.07
CA ARG B 198 -20.93 18.65 3.49
C ARG B 198 -19.85 19.71 3.22
N SER B 199 -18.82 19.78 4.07
CA SER B 199 -17.75 20.80 3.98
CA SER B 199 -17.74 20.79 3.96
C SER B 199 -16.41 20.14 4.31
N PRO B 200 -15.86 19.28 3.41
CA PRO B 200 -14.64 18.56 3.74
C PRO B 200 -13.45 19.51 3.82
N LYS B 201 -12.64 19.37 4.87
CA LYS B 201 -11.39 20.15 5.01
C LYS B 201 -10.19 19.21 5.22
N LEU B 202 -10.42 17.95 5.58
CA LEU B 202 -9.33 16.96 5.61
C LEU B 202 -9.83 15.63 5.06
N PHE B 203 -8.91 14.88 4.47
CA PHE B 203 -9.19 13.51 4.02
C PHE B 203 -8.14 12.59 4.60
N VAL B 204 -8.57 11.38 4.93
CA VAL B 204 -7.66 10.33 5.44
C VAL B 204 -7.70 9.16 4.45
N VAL B 205 -6.51 8.68 4.06
CA VAL B 205 -6.41 7.45 3.24
C VAL B 205 -5.57 6.43 4.00
N PHE B 206 -5.88 5.18 3.72
CA PHE B 206 -5.46 4.03 4.53
C PHE B 206 -4.69 3.02 3.69
N PHE B 207 -4.38 3.33 2.44
CA PHE B 207 -3.67 2.38 1.55
C PHE B 207 -2.48 3.06 0.88
N ASP B 208 -1.49 2.24 0.56
CA ASP B 208 -0.29 2.70 -0.15
C ASP B 208 -0.71 3.09 -1.58
N ASN B 209 -0.04 4.08 -2.14
CA ASN B 209 -0.17 4.40 -3.58
C ASN B 209 -1.59 4.98 -3.84
N GLN B 210 -2.24 5.55 -2.82
CA GLN B 210 -3.51 6.27 -2.97
C GLN B 210 -3.24 7.79 -3.03
N ALA B 211 -1.96 8.18 -2.95
CA ALA B 211 -1.56 9.59 -2.89
C ALA B 211 -0.20 9.72 -3.56
N TYR B 212 -0.12 10.63 -4.54
CA TYR B 212 1.12 10.89 -5.29
C TYR B 212 1.65 12.25 -4.85
N PRO B 213 2.85 12.32 -4.23
CA PRO B 213 3.46 13.60 -3.88
C PRO B 213 3.94 14.29 -5.16
N GLU B 214 3.27 15.37 -5.56
CA GLU B 214 3.50 15.96 -6.90
C GLU B 214 4.43 17.18 -6.81
N TYR B 215 4.27 18.03 -5.79
CA TYR B 215 5.14 19.21 -5.60
C TYR B 215 5.58 19.27 -4.15
N LEU B 216 6.80 19.74 -3.93
CA LEU B 216 7.28 20.10 -2.59
C LEU B 216 7.44 21.62 -2.53
N ILE B 217 6.70 22.25 -1.64
CA ILE B 217 6.80 23.69 -1.35
C ILE B 217 7.72 23.85 -0.16
N THR B 218 8.83 24.54 -0.34
CA THR B 218 9.69 25.02 0.77
C THR B 218 9.35 26.48 1.02
N PHE B 219 9.05 26.83 2.27
CA PHE B 219 8.57 28.20 2.60
C PHE B 219 9.05 28.58 3.99
N THR B 220 8.91 29.86 4.29
CA THR B 220 9.36 30.48 5.56
C THR B 220 8.35 31.52 6.00
N ALA B 221 8.46 31.95 7.26
CA ALA B 221 7.77 33.15 7.76
C ALA B 221 8.46 34.38 7.18
#